data_2ZOY
#
_entry.id   2ZOY
#
_cell.length_a   59.754
_cell.length_b   67.051
_cell.length_c   101.326
_cell.angle_alpha   90.00
_cell.angle_beta   90.00
_cell.angle_gamma   90.00
#
_symmetry.space_group_name_H-M   'P 21 21 21'
#
loop_
_entity.id
_entity.type
_entity.pdbx_description
1 polymer 'Transcriptional regulator'
2 non-polymer GLYCEROL
3 water water
#
_entity_poly.entity_id   1
_entity_poly.type   'polypeptide(L)'
_entity_poly.pdbx_seq_one_letter_code
;MRTSKKEMILRTAIDYIGEYSLETLSYDSLAEATGLSKSGLIYHFPSRHALLLGMHELLADDWDKELRDITRDPEDPLER
LRAVVVTLAENVSRPELLLLIDAPSHPDFLNAWRTVNHQWIPDTDDLENDAHKRAVYLVQLAADGLFVHDYIHDDVLSKS
KRQAMLETILELIPSQTLEHHHHHH
;
_entity_poly.pdbx_strand_id   A,B
#
loop_
_chem_comp.id
_chem_comp.type
_chem_comp.name
_chem_comp.formula
GOL non-polymer GLYCEROL 'C3 H8 O3'
#
# COMPACT_ATOMS: atom_id res chain seq x y z
N MET A 1 -10.63 -32.66 -0.33
CA MET A 1 -10.66 -31.21 -0.68
C MET A 1 -11.68 -30.44 0.12
N ARG A 2 -11.30 -29.25 0.58
CA ARG A 2 -12.18 -28.39 1.36
C ARG A 2 -12.86 -27.36 0.49
N THR A 3 -12.36 -27.17 -0.72
CA THR A 3 -12.94 -26.20 -1.65
C THR A 3 -13.00 -26.79 -3.06
N SER A 4 -13.57 -26.02 -3.98
CA SER A 4 -13.65 -26.47 -5.35
C SER A 4 -12.22 -26.40 -5.91
N LYS A 5 -11.97 -27.12 -7.00
CA LYS A 5 -10.65 -27.12 -7.62
C LYS A 5 -10.38 -25.72 -8.17
N LYS A 6 -11.44 -25.08 -8.65
CA LYS A 6 -11.32 -23.74 -9.20
C LYS A 6 -10.77 -22.77 -8.14
N GLU A 7 -11.32 -22.84 -6.93
CA GLU A 7 -10.86 -21.98 -5.85
C GLU A 7 -9.43 -22.33 -5.45
N MET A 8 -9.11 -23.62 -5.49
CA MET A 8 -7.77 -24.07 -5.13
C MET A 8 -6.76 -23.48 -6.09
N ILE A 9 -7.11 -23.43 -7.37
CA ILE A 9 -6.21 -22.87 -8.38
C ILE A 9 -5.97 -21.38 -8.08
N LEU A 10 -7.05 -20.67 -7.77
CA LEU A 10 -6.95 -19.24 -7.47
C LEU A 10 -6.09 -19.00 -6.22
N ARG A 11 -6.34 -19.77 -5.17
CA ARG A 11 -5.58 -19.65 -3.92
C ARG A 11 -4.10 -19.87 -4.20
N THR A 12 -3.80 -20.84 -5.07
CA THR A 12 -2.43 -21.16 -5.43
C THR A 12 -1.82 -19.99 -6.19
N ALA A 13 -2.56 -19.45 -7.14
CA ALA A 13 -2.10 -18.32 -7.95
C ALA A 13 -1.79 -17.14 -7.04
N ILE A 14 -2.64 -16.91 -6.05
CA ILE A 14 -2.43 -15.81 -5.12
C ILE A 14 -1.15 -16.07 -4.31
N ASP A 15 -0.97 -17.30 -3.86
CA ASP A 15 0.23 -17.66 -3.11
C ASP A 15 1.45 -17.48 -3.99
N TYR A 16 1.33 -17.87 -5.26
CA TYR A 16 2.44 -17.75 -6.19
C TYR A 16 2.91 -16.30 -6.25
N ILE A 17 1.97 -15.37 -6.37
CA ILE A 17 2.32 -13.96 -6.44
C ILE A 17 3.10 -13.60 -5.19
N GLY A 18 2.68 -14.16 -4.06
CA GLY A 18 3.36 -13.91 -2.80
C GLY A 18 4.80 -14.38 -2.80
N GLU A 19 5.05 -15.58 -3.28
CA GLU A 19 6.41 -16.13 -3.31
C GLU A 19 7.23 -15.47 -4.41
N TYR A 20 6.56 -15.12 -5.50
CA TYR A 20 7.22 -14.50 -6.64
C TYR A 20 6.63 -13.13 -6.95
N SER A 21 5.86 -13.07 -8.03
CA SER A 21 5.26 -11.81 -8.43
C SER A 21 4.13 -12.02 -9.41
N LEU A 22 3.33 -10.96 -9.60
CA LEU A 22 2.22 -10.98 -10.52
C LEU A 22 2.79 -11.02 -11.94
N GLU A 23 3.93 -10.35 -12.11
CA GLU A 23 4.62 -10.27 -13.38
C GLU A 23 4.93 -11.63 -13.99
N THR A 24 5.40 -12.57 -13.18
CA THR A 24 5.76 -13.89 -13.68
C THR A 24 4.66 -14.95 -13.57
N LEU A 25 3.46 -14.55 -13.17
CA LEU A 25 2.34 -15.49 -13.07
C LEU A 25 1.85 -15.78 -14.49
N SER A 26 1.94 -17.04 -14.88
CA SER A 26 1.51 -17.46 -16.22
C SER A 26 0.99 -18.88 -16.13
N TYR A 27 0.41 -19.36 -17.24
CA TYR A 27 -0.12 -20.71 -17.29
C TYR A 27 0.98 -21.71 -16.95
N ASP A 28 2.21 -21.42 -17.36
CA ASP A 28 3.33 -22.31 -17.09
C ASP A 28 3.74 -22.34 -15.62
N SER A 29 3.94 -21.17 -15.02
CA SER A 29 4.32 -21.14 -13.61
C SER A 29 3.19 -21.66 -12.72
N LEU A 30 1.95 -21.42 -13.14
CA LEU A 30 0.79 -21.86 -12.37
C LEU A 30 0.60 -23.37 -12.51
N ALA A 31 0.94 -23.90 -13.68
CA ALA A 31 0.83 -25.33 -13.92
C ALA A 31 1.80 -26.02 -12.97
N GLU A 32 3.00 -25.44 -12.85
CA GLU A 32 4.03 -25.98 -11.97
C GLU A 32 3.60 -25.88 -10.51
N ALA A 33 3.06 -24.73 -10.12
CA ALA A 33 2.63 -24.50 -8.74
C ALA A 33 1.44 -25.37 -8.34
N THR A 34 0.49 -25.56 -9.25
CA THR A 34 -0.70 -26.37 -8.94
C THR A 34 -0.47 -27.84 -9.23
N GLY A 35 0.49 -28.13 -10.11
CA GLY A 35 0.76 -29.52 -10.45
C GLY A 35 -0.18 -29.98 -11.55
N LEU A 36 -1.08 -29.10 -11.95
CA LEU A 36 -2.03 -29.41 -13.01
C LEU A 36 -1.40 -29.09 -14.36
N SER A 37 -2.10 -29.48 -15.42
CA SER A 37 -1.63 -29.23 -16.77
C SER A 37 -2.21 -27.90 -17.25
N LYS A 38 -1.51 -27.24 -18.16
CA LYS A 38 -1.97 -25.96 -18.69
C LYS A 38 -3.39 -26.17 -19.23
N SER A 39 -3.63 -27.37 -19.74
CA SER A 39 -4.93 -27.73 -20.30
C SER A 39 -6.00 -27.74 -19.21
N GLY A 40 -5.65 -28.26 -18.03
CA GLY A 40 -6.60 -28.30 -16.94
C GLY A 40 -6.89 -26.91 -16.41
N LEU A 41 -5.89 -26.04 -16.45
CA LEU A 41 -6.04 -24.67 -15.98
C LEU A 41 -6.94 -23.91 -16.95
N ILE A 42 -6.64 -24.02 -18.23
CA ILE A 42 -7.41 -23.36 -19.27
C ILE A 42 -8.89 -23.71 -19.18
N TYR A 43 -9.18 -24.92 -18.71
CA TYR A 43 -10.56 -25.35 -18.57
C TYR A 43 -11.30 -24.42 -17.61
N HIS A 44 -10.65 -24.06 -16.52
CA HIS A 44 -11.23 -23.18 -15.51
C HIS A 44 -11.10 -21.72 -15.91
N PHE A 45 -9.95 -21.36 -16.47
CA PHE A 45 -9.68 -19.99 -16.88
C PHE A 45 -9.21 -19.92 -18.33
N PRO A 46 -10.14 -19.64 -19.26
CA PRO A 46 -9.92 -19.53 -20.71
C PRO A 46 -8.81 -18.59 -21.14
N SER A 47 -8.50 -17.60 -20.30
CA SER A 47 -7.46 -16.63 -20.61
C SER A 47 -6.80 -16.15 -19.34
N ARG A 48 -5.64 -15.52 -19.46
CA ARG A 48 -4.94 -15.00 -18.29
C ARG A 48 -5.84 -13.93 -17.66
N HIS A 49 -6.61 -13.25 -18.50
CA HIS A 49 -7.55 -12.22 -18.04
C HIS A 49 -8.53 -12.85 -17.06
N ALA A 50 -9.08 -14.00 -17.45
CA ALA A 50 -10.05 -14.71 -16.61
C ALA A 50 -9.41 -15.15 -15.30
N LEU A 51 -8.15 -15.56 -15.36
CA LEU A 51 -7.44 -15.98 -14.16
C LEU A 51 -7.35 -14.78 -13.19
N LEU A 52 -6.86 -13.66 -13.70
CA LEU A 52 -6.72 -12.45 -12.90
C LEU A 52 -8.08 -12.00 -12.33
N LEU A 53 -9.11 -12.01 -13.17
CA LEU A 53 -10.45 -11.61 -12.71
C LEU A 53 -10.91 -12.51 -11.58
N GLY A 54 -10.65 -13.82 -11.72
CA GLY A 54 -11.05 -14.75 -10.68
C GLY A 54 -10.39 -14.46 -9.36
N MET A 55 -9.14 -13.99 -9.40
CA MET A 55 -8.42 -13.66 -8.17
C MET A 55 -9.04 -12.43 -7.51
N HIS A 56 -9.33 -11.42 -8.31
CA HIS A 56 -9.94 -10.20 -7.79
C HIS A 56 -11.29 -10.54 -7.15
N GLU A 57 -12.07 -11.37 -7.82
CA GLU A 57 -13.39 -11.75 -7.32
C GLU A 57 -13.31 -12.53 -6.01
N LEU A 58 -12.38 -13.48 -5.95
CA LEU A 58 -12.23 -14.30 -4.76
C LEU A 58 -11.86 -13.45 -3.55
N LEU A 59 -10.90 -12.55 -3.71
CA LEU A 59 -10.47 -11.68 -2.62
C LEU A 59 -11.58 -10.71 -2.22
N ALA A 60 -12.28 -10.17 -3.21
CA ALA A 60 -13.37 -9.24 -2.92
C ALA A 60 -14.44 -9.98 -2.13
N ASP A 61 -14.73 -11.21 -2.56
CA ASP A 61 -15.73 -12.04 -1.90
C ASP A 61 -15.29 -12.45 -0.49
N ASP A 62 -14.00 -12.73 -0.31
CA ASP A 62 -13.50 -13.12 1.01
C ASP A 62 -13.79 -11.98 1.98
N TRP A 63 -13.49 -10.75 1.55
CA TRP A 63 -13.69 -9.58 2.39
C TRP A 63 -15.17 -9.33 2.71
N ASP A 64 -16.03 -9.46 1.69
CA ASP A 64 -17.45 -9.26 1.89
C ASP A 64 -18.01 -10.22 2.95
N LYS A 65 -17.60 -11.49 2.87
CA LYS A 65 -18.06 -12.50 3.81
C LYS A 65 -17.52 -12.24 5.22
N GLU A 66 -16.30 -11.74 5.30
CA GLU A 66 -15.69 -11.40 6.59
C GLU A 66 -16.52 -10.28 7.25
N LEU A 67 -16.86 -9.27 6.45
CA LEU A 67 -17.65 -8.12 6.92
C LEU A 67 -19.05 -8.59 7.33
N ARG A 68 -19.66 -9.42 6.48
CA ARG A 68 -20.99 -9.94 6.78
C ARG A 68 -21.00 -10.76 8.07
N ASP A 69 -19.97 -11.57 8.27
CA ASP A 69 -19.87 -12.39 9.47
C ASP A 69 -19.73 -11.61 10.79
N ILE A 70 -19.04 -10.48 10.77
CA ILE A 70 -18.85 -9.74 12.01
C ILE A 70 -19.65 -8.45 12.21
N THR A 71 -20.54 -8.14 11.28
CA THR A 71 -21.33 -6.92 11.41
C THR A 71 -22.75 -7.16 11.90
N ARG A 72 -23.07 -6.61 13.07
CA ARG A 72 -24.41 -6.72 13.64
C ARG A 72 -25.11 -5.42 13.24
N ASP A 73 -26.38 -5.51 12.86
CA ASP A 73 -27.13 -4.34 12.41
C ASP A 73 -26.40 -3.68 11.24
N PRO A 74 -26.16 -4.44 10.16
CA PRO A 74 -25.46 -3.89 8.99
C PRO A 74 -26.14 -2.69 8.33
N GLU A 75 -27.41 -2.45 8.65
CA GLU A 75 -28.14 -1.33 8.08
C GLU A 75 -27.59 0.00 8.62
N ASP A 76 -26.92 -0.08 9.77
CA ASP A 76 -26.35 1.11 10.40
C ASP A 76 -24.98 1.42 9.80
N PRO A 77 -24.86 2.57 9.13
CA PRO A 77 -23.59 2.99 8.49
C PRO A 77 -22.42 2.93 9.45
N LEU A 78 -22.66 3.30 10.70
CA LEU A 78 -21.64 3.29 11.73
C LEU A 78 -21.20 1.89 12.12
N GLU A 79 -22.12 0.94 12.12
CA GLU A 79 -21.76 -0.43 12.45
C GLU A 79 -20.94 -1.01 11.30
N ARG A 80 -21.26 -0.62 10.08
CA ARG A 80 -20.50 -1.10 8.94
C ARG A 80 -19.09 -0.55 9.06
N LEU A 81 -18.97 0.74 9.36
CA LEU A 81 -17.66 1.40 9.49
C LEU A 81 -16.83 0.73 10.58
N ARG A 82 -17.45 0.43 11.72
CA ARG A 82 -16.74 -0.22 12.82
C ARG A 82 -16.17 -1.56 12.38
N ALA A 83 -16.97 -2.34 11.66
CA ALA A 83 -16.55 -3.65 11.19
C ALA A 83 -15.43 -3.51 10.15
N VAL A 84 -15.57 -2.53 9.26
CA VAL A 84 -14.54 -2.31 8.24
C VAL A 84 -13.19 -2.02 8.92
N VAL A 85 -13.19 -1.15 9.92
CA VAL A 85 -11.96 -0.82 10.63
C VAL A 85 -11.33 -2.08 11.24
N VAL A 86 -12.16 -2.91 11.86
CA VAL A 86 -11.66 -4.13 12.46
C VAL A 86 -11.00 -5.02 11.41
N THR A 87 -11.65 -5.21 10.26
CA THR A 87 -11.07 -6.08 9.23
C THR A 87 -9.79 -5.51 8.64
N LEU A 88 -9.68 -4.19 8.59
CA LEU A 88 -8.49 -3.54 8.03
C LEU A 88 -7.33 -3.42 9.01
N ALA A 89 -7.57 -3.77 10.27
CA ALA A 89 -6.50 -3.67 11.28
C ALA A 89 -5.42 -4.73 11.06
N GLU A 90 -5.77 -5.81 10.37
CA GLU A 90 -4.79 -6.84 10.05
C GLU A 90 -4.16 -6.39 8.73
N ASN A 91 -2.83 -6.35 8.68
CA ASN A 91 -2.14 -5.88 7.48
C ASN A 91 -2.52 -6.63 6.20
N VAL A 92 -2.60 -5.89 5.11
CA VAL A 92 -2.89 -6.50 3.80
C VAL A 92 -1.70 -7.40 3.47
N SER A 93 -1.92 -8.42 2.66
CA SER A 93 -0.85 -9.31 2.24
C SER A 93 -0.23 -8.69 1.00
N ARG A 94 0.99 -9.08 0.65
CA ARG A 94 1.62 -8.51 -0.53
C ARG A 94 0.81 -8.83 -1.80
N PRO A 95 0.33 -10.07 -1.93
CA PRO A 95 -0.44 -10.41 -3.14
C PRO A 95 -1.73 -9.60 -3.27
N GLU A 96 -2.43 -9.39 -2.15
CA GLU A 96 -3.66 -8.62 -2.21
C GLU A 96 -3.39 -7.16 -2.59
N LEU A 97 -2.34 -6.58 -2.01
CA LEU A 97 -2.00 -5.20 -2.30
C LEU A 97 -1.59 -5.07 -3.78
N LEU A 98 -0.84 -6.04 -4.26
CA LEU A 98 -0.40 -6.07 -5.65
C LEU A 98 -1.62 -6.10 -6.59
N LEU A 99 -2.61 -6.89 -6.23
CA LEU A 99 -3.83 -7.00 -7.05
C LEU A 99 -4.65 -5.72 -6.98
N LEU A 100 -4.77 -5.14 -5.79
CA LEU A 100 -5.50 -3.89 -5.62
C LEU A 100 -4.90 -2.81 -6.52
N ILE A 101 -3.58 -2.72 -6.50
CA ILE A 101 -2.85 -1.73 -7.31
C ILE A 101 -3.11 -1.93 -8.80
N ASP A 102 -3.18 -3.19 -9.22
CA ASP A 102 -3.38 -3.55 -10.63
C ASP A 102 -4.83 -3.55 -11.11
N ALA A 103 -5.77 -3.47 -10.18
CA ALA A 103 -7.19 -3.51 -10.51
C ALA A 103 -7.64 -2.53 -11.63
N PRO A 104 -7.16 -1.29 -11.58
CA PRO A 104 -7.51 -0.28 -12.60
C PRO A 104 -7.09 -0.64 -14.03
N SER A 105 -6.23 -1.63 -14.18
CA SER A 105 -5.78 -2.02 -15.51
C SER A 105 -6.93 -2.45 -16.41
N HIS A 106 -8.07 -2.83 -15.81
CA HIS A 106 -9.24 -3.24 -16.59
C HIS A 106 -10.51 -3.15 -15.76
N PRO A 107 -11.57 -2.56 -16.33
CA PRO A 107 -12.85 -2.43 -15.62
C PRO A 107 -13.42 -3.71 -15.02
N ASP A 108 -13.13 -4.86 -15.60
CA ASP A 108 -13.62 -6.12 -15.04
C ASP A 108 -13.05 -6.27 -13.63
N PHE A 109 -11.77 -5.94 -13.47
CA PHE A 109 -11.14 -6.06 -12.16
C PHE A 109 -11.71 -5.04 -11.18
N LEU A 110 -11.88 -3.82 -11.63
CA LEU A 110 -12.45 -2.77 -10.78
C LEU A 110 -13.84 -3.15 -10.32
N ASN A 111 -14.67 -3.59 -11.27
CA ASN A 111 -16.04 -3.97 -10.97
C ASN A 111 -16.09 -5.07 -9.93
N ALA A 112 -15.14 -6.00 -10.00
CA ALA A 112 -15.10 -7.10 -9.04
C ALA A 112 -15.03 -6.55 -7.61
N TRP A 113 -14.30 -5.46 -7.43
CA TRP A 113 -14.16 -4.84 -6.09
C TRP A 113 -15.28 -3.87 -5.75
N ARG A 114 -15.72 -3.08 -6.72
CA ARG A 114 -16.78 -2.10 -6.48
C ARG A 114 -18.03 -2.74 -5.86
N THR A 115 -18.32 -3.96 -6.27
CA THR A 115 -19.49 -4.67 -5.76
C THR A 115 -19.49 -4.69 -4.23
N VAL A 116 -18.34 -4.99 -3.63
CA VAL A 116 -18.22 -5.03 -2.18
C VAL A 116 -17.96 -3.65 -1.59
N ASN A 117 -17.07 -2.88 -2.21
CA ASN A 117 -16.74 -1.54 -1.74
C ASN A 117 -17.98 -0.68 -1.57
N HIS A 118 -18.87 -0.70 -2.56
CA HIS A 118 -20.10 0.10 -2.50
C HIS A 118 -20.99 -0.16 -1.31
N GLN A 119 -20.97 -1.39 -0.80
CA GLN A 119 -21.80 -1.75 0.33
C GLN A 119 -21.17 -1.43 1.69
N TRP A 120 -19.83 -1.33 1.73
CA TRP A 120 -19.14 -1.12 2.99
C TRP A 120 -18.26 0.10 3.16
N ILE A 121 -17.75 0.63 2.06
CA ILE A 121 -16.86 1.78 2.14
C ILE A 121 -17.54 3.11 1.83
N PRO A 122 -17.25 4.14 2.63
CA PRO A 122 -17.82 5.48 2.45
C PRO A 122 -17.43 6.09 1.11
N ASP A 123 -18.37 6.79 0.49
CA ASP A 123 -18.13 7.48 -0.77
C ASP A 123 -17.47 8.79 -0.36
N THR A 124 -16.93 9.53 -1.34
CA THR A 124 -16.29 10.81 -1.05
C THR A 124 -17.16 11.96 -1.52
N ASP A 125 -18.43 11.67 -1.79
CA ASP A 125 -19.36 12.71 -2.25
C ASP A 125 -19.48 13.88 -1.29
N ASP A 126 -19.40 15.08 -1.84
CA ASP A 126 -19.52 16.30 -1.05
C ASP A 126 -18.59 16.33 0.16
N LEU A 127 -17.44 15.69 0.02
CA LEU A 127 -16.46 15.64 1.09
C LEU A 127 -16.03 17.04 1.53
N GLU A 128 -15.88 17.95 0.58
CA GLU A 128 -15.44 19.31 0.90
C GLU A 128 -16.49 20.16 1.65
N ASN A 129 -17.76 19.79 1.56
CA ASN A 129 -18.80 20.55 2.24
C ASN A 129 -19.60 19.79 3.28
N ASP A 130 -19.08 18.64 3.72
CA ASP A 130 -19.78 17.84 4.71
C ASP A 130 -18.84 17.45 5.84
N ALA A 131 -18.96 18.11 6.99
CA ALA A 131 -18.09 17.82 8.13
C ALA A 131 -18.24 16.39 8.64
N HIS A 132 -19.46 15.87 8.62
CA HIS A 132 -19.70 14.51 9.10
C HIS A 132 -19.01 13.51 8.18
N LYS A 133 -19.09 13.76 6.87
CA LYS A 133 -18.46 12.90 5.88
C LYS A 133 -16.95 12.89 6.08
N ARG A 134 -16.37 14.05 6.35
CA ARG A 134 -14.93 14.16 6.58
C ARG A 134 -14.52 13.41 7.84
N ALA A 135 -15.38 13.43 8.86
CA ALA A 135 -15.08 12.75 10.11
C ALA A 135 -15.04 11.24 9.84
N VAL A 136 -16.01 10.76 9.07
CA VAL A 136 -16.06 9.36 8.72
C VAL A 136 -14.88 8.94 7.83
N TYR A 137 -14.58 9.76 6.84
CA TYR A 137 -13.48 9.42 5.94
C TYR A 137 -12.13 9.47 6.65
N LEU A 138 -12.04 10.26 7.71
CA LEU A 138 -10.80 10.35 8.47
C LEU A 138 -10.54 8.99 9.11
N VAL A 139 -11.60 8.40 9.65
CA VAL A 139 -11.50 7.07 10.26
C VAL A 139 -11.09 6.08 9.17
N GLN A 140 -11.69 6.21 7.99
CA GLN A 140 -11.38 5.31 6.89
C GLN A 140 -9.90 5.40 6.53
N LEU A 141 -9.40 6.63 6.43
CA LEU A 141 -8.00 6.88 6.11
C LEU A 141 -7.06 6.25 7.12
N ALA A 142 -7.38 6.39 8.40
CA ALA A 142 -6.52 5.83 9.45
C ALA A 142 -6.54 4.31 9.37
N ALA A 143 -7.71 3.72 9.17
CA ALA A 143 -7.82 2.27 9.06
C ALA A 143 -7.00 1.81 7.86
N ASP A 144 -7.05 2.59 6.79
CA ASP A 144 -6.28 2.27 5.57
C ASP A 144 -4.78 2.30 5.89
N GLY A 145 -4.35 3.25 6.71
CA GLY A 145 -2.94 3.34 7.07
C GLY A 145 -2.49 2.12 7.85
N LEU A 146 -3.36 1.64 8.73
CA LEU A 146 -3.06 0.47 9.53
C LEU A 146 -2.98 -0.75 8.60
N PHE A 147 -3.91 -0.80 7.65
CA PHE A 147 -4.03 -1.86 6.66
C PHE A 147 -2.77 -2.05 5.79
N VAL A 148 -2.19 -0.94 5.31
CA VAL A 148 -1.03 -1.03 4.44
C VAL A 148 0.32 -0.84 5.13
N HIS A 149 0.28 -0.49 6.41
CA HIS A 149 1.49 -0.20 7.16
C HIS A 149 2.77 -0.99 6.85
N ASP A 150 2.71 -2.31 6.96
CA ASP A 150 3.91 -3.13 6.75
C ASP A 150 4.52 -3.09 5.35
N TYR A 151 3.79 -2.57 4.37
CA TYR A 151 4.32 -2.49 3.02
C TYR A 151 4.66 -1.08 2.54
N ILE A 152 4.54 -0.10 3.44
CA ILE A 152 4.90 1.27 3.10
C ILE A 152 5.86 1.83 4.16
N HIS A 153 6.14 1.00 5.16
CA HIS A 153 7.08 1.35 6.23
C HIS A 153 8.08 0.22 6.42
N ASP A 154 9.21 0.53 7.03
CA ASP A 154 10.24 -0.48 7.26
C ASP A 154 9.85 -1.46 8.37
N ASP A 155 9.26 -0.94 9.45
CA ASP A 155 8.87 -1.75 10.59
C ASP A 155 7.50 -2.43 10.51
N VAL A 156 7.45 -3.68 10.95
CA VAL A 156 6.18 -4.40 11.00
C VAL A 156 5.53 -3.96 12.31
N LEU A 157 4.25 -3.61 12.27
CA LEU A 157 3.57 -3.18 13.49
C LEU A 157 3.04 -4.44 14.19
N SER A 158 3.41 -4.61 15.46
CA SER A 158 2.99 -5.79 16.22
C SER A 158 1.49 -5.86 16.44
N LYS A 159 1.00 -7.05 16.78
CA LYS A 159 -0.43 -7.24 17.03
C LYS A 159 -0.93 -6.36 18.16
N SER A 160 -0.16 -6.29 19.24
CA SER A 160 -0.55 -5.50 20.40
C SER A 160 -0.62 -4.01 20.04
N LYS A 161 0.30 -3.55 19.20
CA LYS A 161 0.30 -2.16 18.80
C LYS A 161 -0.86 -1.91 17.85
N ARG A 162 -1.13 -2.87 16.96
CA ARG A 162 -2.23 -2.74 16.02
C ARG A 162 -3.54 -2.70 16.79
N GLN A 163 -3.61 -3.50 17.85
CA GLN A 163 -4.83 -3.55 18.66
C GLN A 163 -5.07 -2.21 19.35
N ALA A 164 -4.02 -1.60 19.88
CA ALA A 164 -4.14 -0.33 20.56
C ALA A 164 -4.62 0.76 19.59
N MET A 165 -4.03 0.80 18.41
CA MET A 165 -4.40 1.79 17.40
C MET A 165 -5.81 1.55 16.88
N LEU A 166 -6.20 0.27 16.76
CA LEU A 166 -7.55 -0.08 16.32
C LEU A 166 -8.55 0.56 17.27
N GLU A 167 -8.35 0.37 18.57
CA GLU A 167 -9.24 0.95 19.57
C GLU A 167 -9.23 2.47 19.46
N THR A 168 -8.05 3.04 19.22
CA THR A 168 -7.93 4.49 19.08
C THR A 168 -8.73 4.98 17.86
N ILE A 169 -8.62 4.26 16.75
CA ILE A 169 -9.34 4.63 15.52
C ILE A 169 -10.85 4.51 15.74
N LEU A 170 -11.26 3.46 16.44
CA LEU A 170 -12.68 3.23 16.74
C LEU A 170 -13.28 4.36 17.56
N GLU A 171 -12.50 4.91 18.47
CA GLU A 171 -12.97 6.02 19.31
C GLU A 171 -13.21 7.27 18.47
N LEU A 172 -12.54 7.34 17.32
CA LEU A 172 -12.65 8.48 16.43
C LEU A 172 -13.97 8.51 15.64
N ILE A 173 -14.69 7.39 15.63
CA ILE A 173 -15.96 7.31 14.91
C ILE A 173 -17.04 8.17 15.56
N PRO A 174 -17.72 9.00 14.75
CA PRO A 174 -18.80 9.87 15.26
C PRO A 174 -19.96 9.03 15.76
N SER A 175 -20.06 8.87 17.08
CA SER A 175 -21.14 8.09 17.67
C SER A 175 -22.21 8.97 18.28
N THR B 3 24.02 16.84 -11.01
CA THR B 3 23.48 15.46 -10.83
C THR B 3 24.51 14.42 -11.24
N SER B 4 25.00 13.65 -10.27
CA SER B 4 26.00 12.63 -10.53
C SER B 4 25.50 11.58 -11.52
N LYS B 5 26.43 10.77 -12.00
CA LYS B 5 26.12 9.71 -12.94
C LYS B 5 25.33 8.63 -12.22
N LYS B 6 25.67 8.38 -10.97
CA LYS B 6 25.00 7.36 -10.18
C LYS B 6 23.54 7.73 -9.95
N GLU B 7 23.29 9.00 -9.67
CA GLU B 7 21.93 9.44 -9.43
C GLU B 7 21.11 9.35 -10.71
N MET B 8 21.71 9.68 -11.84
CA MET B 8 20.99 9.63 -13.11
C MET B 8 20.59 8.19 -13.40
N ILE B 9 21.49 7.25 -13.17
CA ILE B 9 21.21 5.85 -13.41
C ILE B 9 20.05 5.42 -12.52
N LEU B 10 20.13 5.80 -11.24
CA LEU B 10 19.10 5.46 -10.26
C LEU B 10 17.74 6.05 -10.64
N ARG B 11 17.73 7.31 -11.05
CA ARG B 11 16.49 7.98 -11.44
C ARG B 11 15.87 7.25 -12.64
N THR B 12 16.72 6.79 -13.54
CA THR B 12 16.24 6.09 -14.73
C THR B 12 15.64 4.73 -14.36
N ALA B 13 16.30 4.04 -13.43
CA ALA B 13 15.82 2.72 -12.99
C ALA B 13 14.47 2.87 -12.29
N ILE B 14 14.32 3.96 -11.54
CA ILE B 14 13.07 4.23 -10.84
C ILE B 14 11.95 4.50 -11.85
N ASP B 15 12.23 5.31 -12.87
CA ASP B 15 11.22 5.58 -13.90
C ASP B 15 10.87 4.27 -14.60
N TYR B 16 11.89 3.46 -14.85
CA TYR B 16 11.71 2.19 -15.55
C TYR B 16 10.71 1.22 -14.89
N ILE B 17 10.87 0.97 -13.59
CA ILE B 17 9.99 0.04 -12.91
C ILE B 17 8.55 0.53 -12.91
N GLY B 18 8.37 1.84 -13.03
CA GLY B 18 7.03 2.40 -13.05
C GLY B 18 6.34 2.10 -14.36
N GLU B 19 7.09 2.17 -15.46
CA GLU B 19 6.53 1.92 -16.78
C GLU B 19 6.45 0.43 -17.07
N TYR B 20 7.40 -0.34 -16.53
CA TYR B 20 7.41 -1.78 -16.75
C TYR B 20 7.21 -2.54 -15.45
N SER B 21 8.31 -2.92 -14.80
CA SER B 21 8.22 -3.63 -13.54
C SER B 21 9.59 -3.83 -12.93
N LEU B 22 9.60 -4.15 -11.64
CA LEU B 22 10.82 -4.39 -10.92
C LEU B 22 11.38 -5.73 -11.39
N GLU B 23 10.48 -6.63 -11.75
CA GLU B 23 10.88 -7.97 -12.22
C GLU B 23 11.68 -7.94 -13.51
N THR B 24 11.36 -7.01 -14.41
CA THR B 24 12.07 -6.94 -15.68
C THR B 24 13.25 -5.96 -15.63
N LEU B 25 13.51 -5.39 -14.46
CA LEU B 25 14.62 -4.47 -14.32
C LEU B 25 15.90 -5.31 -14.22
N SER B 26 16.80 -5.11 -15.16
CA SER B 26 18.04 -5.85 -15.19
C SER B 26 19.13 -4.98 -15.78
N TYR B 27 20.36 -5.46 -15.78
CA TYR B 27 21.45 -4.70 -16.35
C TYR B 27 21.18 -4.44 -17.84
N ASP B 28 20.53 -5.39 -18.50
CA ASP B 28 20.21 -5.23 -19.92
C ASP B 28 19.18 -4.15 -20.18
N SER B 29 18.05 -4.22 -19.47
CA SER B 29 17.00 -3.23 -19.68
C SER B 29 17.40 -1.84 -19.18
N LEU B 30 18.19 -1.79 -18.12
CA LEU B 30 18.62 -0.49 -17.59
C LEU B 30 19.68 0.11 -18.50
N ALA B 31 20.47 -0.75 -19.14
CA ALA B 31 21.51 -0.29 -20.06
C ALA B 31 20.82 0.40 -21.23
N GLU B 32 19.76 -0.24 -21.72
CA GLU B 32 18.98 0.28 -22.82
C GLU B 32 18.34 1.61 -22.43
N ALA B 33 17.77 1.64 -21.23
CA ALA B 33 17.10 2.83 -20.73
C ALA B 33 18.03 4.03 -20.48
N THR B 34 19.24 3.76 -20.00
CA THR B 34 20.19 4.84 -19.71
C THR B 34 21.11 5.14 -20.87
N GLY B 35 21.25 4.19 -21.79
CA GLY B 35 22.13 4.38 -22.92
C GLY B 35 23.56 4.01 -22.54
N LEU B 36 23.77 3.62 -21.29
CA LEU B 36 25.09 3.25 -20.81
C LEU B 36 25.36 1.78 -21.10
N SER B 37 26.64 1.41 -21.17
CA SER B 37 27.02 0.03 -21.41
C SER B 37 26.75 -0.74 -20.13
N LYS B 38 26.50 -2.04 -20.25
CA LYS B 38 26.25 -2.88 -19.09
C LYS B 38 27.44 -2.76 -18.15
N SER B 39 28.61 -2.60 -18.76
CA SER B 39 29.86 -2.46 -18.03
C SER B 39 29.83 -1.21 -17.17
N GLY B 40 29.47 -0.07 -17.78
CA GLY B 40 29.41 1.18 -17.04
C GLY B 40 28.45 1.11 -15.87
N LEU B 41 27.37 0.37 -16.04
CA LEU B 41 26.35 0.20 -15.01
C LEU B 41 26.91 -0.56 -13.82
N ILE B 42 27.57 -1.69 -14.08
CA ILE B 42 28.15 -2.52 -13.05
C ILE B 42 29.21 -1.78 -12.24
N TYR B 43 29.92 -0.87 -12.89
CA TYR B 43 30.94 -0.09 -12.21
C TYR B 43 30.32 0.75 -11.08
N HIS B 44 29.12 1.27 -11.32
CA HIS B 44 28.45 2.07 -10.31
C HIS B 44 27.62 1.23 -9.35
N PHE B 45 27.11 0.11 -9.83
CA PHE B 45 26.30 -0.80 -9.02
C PHE B 45 26.77 -2.22 -9.35
N PRO B 46 27.77 -2.72 -8.59
CA PRO B 46 28.36 -4.04 -8.76
C PRO B 46 27.45 -5.26 -8.78
N SER B 47 26.25 -5.13 -8.20
CA SER B 47 25.31 -6.25 -8.18
C SER B 47 23.90 -5.70 -8.31
N ARG B 48 22.96 -6.55 -8.69
CA ARG B 48 21.58 -6.11 -8.83
C ARG B 48 21.08 -5.70 -7.44
N HIS B 49 21.51 -6.44 -6.41
CA HIS B 49 21.11 -6.12 -5.06
C HIS B 49 21.51 -4.67 -4.75
N ALA B 50 22.75 -4.33 -5.10
CA ALA B 50 23.27 -2.98 -4.87
C ALA B 50 22.47 -1.94 -5.63
N LEU B 51 22.07 -2.26 -6.86
CA LEU B 51 21.28 -1.34 -7.67
C LEU B 51 19.96 -1.04 -6.98
N LEU B 52 19.27 -2.09 -6.53
CA LEU B 52 18.00 -1.94 -5.83
C LEU B 52 18.18 -1.12 -4.56
N LEU B 53 19.20 -1.47 -3.77
CA LEU B 53 19.48 -0.77 -2.53
C LEU B 53 19.63 0.73 -2.83
N GLY B 54 20.35 1.04 -3.90
CA GLY B 54 20.56 2.43 -4.28
C GLY B 54 19.28 3.16 -4.55
N MET B 55 18.31 2.48 -5.16
CA MET B 55 17.03 3.10 -5.47
C MET B 55 16.28 3.43 -4.17
N HIS B 56 16.32 2.50 -3.22
CA HIS B 56 15.66 2.69 -1.92
C HIS B 56 16.33 3.87 -1.19
N GLU B 57 17.66 3.87 -1.15
CA GLU B 57 18.39 4.94 -0.48
C GLU B 57 18.12 6.31 -1.09
N LEU B 58 18.00 6.37 -2.41
CA LEU B 58 17.75 7.65 -3.08
C LEU B 58 16.36 8.20 -2.76
N LEU B 59 15.35 7.34 -2.78
CA LEU B 59 13.99 7.76 -2.47
C LEU B 59 13.90 8.18 -1.01
N ALA B 60 14.56 7.44 -0.14
CA ALA B 60 14.56 7.78 1.28
C ALA B 60 15.21 9.14 1.47
N ASP B 61 16.30 9.39 0.75
CA ASP B 61 17.01 10.66 0.86
C ASP B 61 16.16 11.82 0.33
N ASP B 62 15.47 11.59 -0.79
CA ASP B 62 14.61 12.62 -1.37
C ASP B 62 13.60 13.07 -0.31
N TRP B 63 13.01 12.10 0.38
CA TRP B 63 12.02 12.41 1.40
C TRP B 63 12.64 13.18 2.55
N ASP B 64 13.83 12.75 2.98
CA ASP B 64 14.50 13.42 4.08
C ASP B 64 14.71 14.90 3.75
N LYS B 65 15.13 15.16 2.51
CA LYS B 65 15.37 16.54 2.07
C LYS B 65 14.07 17.34 2.06
N GLU B 66 13.02 16.73 1.52
CA GLU B 66 11.72 17.39 1.46
C GLU B 66 11.25 17.75 2.86
N LEU B 67 11.47 16.84 3.82
CA LEU B 67 11.08 17.08 5.21
C LEU B 67 11.87 18.24 5.81
N ARG B 68 13.18 18.21 5.64
CA ARG B 68 14.05 19.25 6.15
C ARG B 68 13.70 20.59 5.52
N ASP B 69 13.34 20.55 4.25
CA ASP B 69 13.00 21.74 3.50
C ASP B 69 11.74 22.47 3.97
N ILE B 70 10.74 21.73 4.43
CA ILE B 70 9.51 22.38 4.85
C ILE B 70 9.26 22.43 6.35
N THR B 71 10.09 21.74 7.13
CA THR B 71 9.91 21.76 8.57
C THR B 71 10.22 23.14 9.13
N ARG B 72 9.23 23.76 9.74
CA ARG B 72 9.38 25.10 10.30
C ARG B 72 10.31 25.13 11.50
N ASP B 73 10.27 24.09 12.34
CA ASP B 73 11.15 24.00 13.49
C ASP B 73 11.56 22.53 13.69
N PRO B 74 12.77 22.18 13.24
CA PRO B 74 13.29 20.81 13.34
C PRO B 74 13.35 20.25 14.76
N GLU B 75 13.31 21.13 15.76
CA GLU B 75 13.36 20.67 17.14
C GLU B 75 11.98 20.48 17.77
N ASP B 76 10.93 20.86 17.03
CA ASP B 76 9.57 20.71 17.53
C ASP B 76 8.96 19.45 16.91
N PRO B 77 8.68 18.43 17.74
CA PRO B 77 8.09 17.16 17.29
C PRO B 77 6.80 17.33 16.49
N LEU B 78 5.97 18.26 16.91
CA LEU B 78 4.71 18.51 16.23
C LEU B 78 4.93 19.17 14.88
N GLU B 79 5.99 19.96 14.75
CA GLU B 79 6.30 20.61 13.48
C GLU B 79 6.85 19.55 12.52
N ARG B 80 7.67 18.64 13.06
CA ARG B 80 8.24 17.57 12.24
C ARG B 80 7.07 16.72 11.74
N LEU B 81 6.10 16.49 12.61
CA LEU B 81 4.92 15.70 12.28
C LEU B 81 4.10 16.39 11.19
N ARG B 82 3.96 17.72 11.29
CA ARG B 82 3.22 18.47 10.30
C ARG B 82 3.88 18.28 8.93
N ALA B 83 5.21 18.31 8.92
CA ALA B 83 5.98 18.14 7.69
C ALA B 83 5.68 16.76 7.10
N VAL B 84 5.68 15.75 7.96
CA VAL B 84 5.39 14.38 7.52
C VAL B 84 4.02 14.33 6.84
N VAL B 85 3.01 14.84 7.53
CA VAL B 85 1.65 14.85 7.02
C VAL B 85 1.54 15.55 5.67
N VAL B 86 2.10 16.77 5.59
CA VAL B 86 2.03 17.53 4.34
C VAL B 86 2.71 16.84 3.16
N THR B 87 3.89 16.26 3.38
CA THR B 87 4.59 15.59 2.29
C THR B 87 3.86 14.30 1.86
N LEU B 88 3.21 13.64 2.82
CA LEU B 88 2.49 12.41 2.54
C LEU B 88 1.10 12.65 1.97
N ALA B 89 0.66 13.91 1.96
CA ALA B 89 -0.66 14.24 1.45
C ALA B 89 -0.71 14.04 -0.07
N GLU B 90 0.45 14.09 -0.71
CA GLU B 90 0.54 13.91 -2.15
C GLU B 90 0.53 12.42 -2.48
N ASN B 91 -0.32 12.02 -3.41
CA ASN B 91 -0.44 10.63 -3.83
C ASN B 91 0.94 10.02 -4.11
N VAL B 92 1.20 8.85 -3.56
CA VAL B 92 2.49 8.18 -3.78
C VAL B 92 2.64 7.83 -5.27
N SER B 93 3.86 7.90 -5.80
CA SER B 93 4.10 7.56 -7.20
C SER B 93 4.14 6.05 -7.36
N ARG B 94 3.77 5.56 -8.54
CA ARG B 94 3.77 4.12 -8.78
C ARG B 94 5.13 3.49 -8.48
N PRO B 95 6.24 4.08 -8.97
CA PRO B 95 7.58 3.53 -8.73
C PRO B 95 7.93 3.43 -7.23
N GLU B 96 7.59 4.48 -6.48
CA GLU B 96 7.88 4.49 -5.05
C GLU B 96 7.07 3.45 -4.29
N LEU B 97 5.78 3.31 -4.67
CA LEU B 97 4.92 2.32 -4.02
C LEU B 97 5.43 0.90 -4.28
N LEU B 98 5.81 0.64 -5.52
CA LEU B 98 6.31 -0.69 -5.88
C LEU B 98 7.59 -0.99 -5.09
N LEU B 99 8.46 0.00 -4.95
CA LEU B 99 9.71 -0.18 -4.20
C LEU B 99 9.40 -0.44 -2.73
N LEU B 100 8.48 0.36 -2.20
CA LEU B 100 8.06 0.25 -0.80
C LEU B 100 7.55 -1.17 -0.51
N ILE B 101 6.78 -1.73 -1.44
CA ILE B 101 6.23 -3.06 -1.28
C ILE B 101 7.31 -4.15 -1.38
N ASP B 102 8.36 -3.86 -2.14
CA ASP B 102 9.44 -4.82 -2.33
C ASP B 102 10.49 -4.77 -1.22
N ALA B 103 10.53 -3.66 -0.48
CA ALA B 103 11.54 -3.50 0.57
C ALA B 103 11.59 -4.64 1.59
N PRO B 104 10.44 -5.14 2.06
CA PRO B 104 10.47 -6.23 3.04
C PRO B 104 11.17 -7.51 2.57
N SER B 105 11.50 -7.60 1.28
CA SER B 105 12.18 -8.79 0.75
C SER B 105 13.61 -8.93 1.26
N HIS B 106 14.15 -7.88 1.87
CA HIS B 106 15.52 -7.94 2.38
C HIS B 106 15.78 -6.85 3.44
N PRO B 107 16.40 -7.22 4.57
CA PRO B 107 16.68 -6.25 5.63
C PRO B 107 17.52 -5.08 5.17
N ASP B 108 18.29 -5.27 4.11
CA ASP B 108 19.13 -4.21 3.57
C ASP B 108 18.25 -3.08 3.02
N PHE B 109 17.17 -3.46 2.32
CA PHE B 109 16.26 -2.46 1.76
C PHE B 109 15.49 -1.78 2.86
N LEU B 110 15.05 -2.57 3.82
CA LEU B 110 14.32 -2.04 4.97
C LEU B 110 15.20 -1.04 5.71
N ASN B 111 16.47 -1.37 5.87
CA ASN B 111 17.40 -0.49 6.57
C ASN B 111 17.62 0.83 5.85
N ALA B 112 17.62 0.79 4.53
CA ALA B 112 17.78 2.01 3.73
C ALA B 112 16.69 3.01 4.14
N TRP B 113 15.48 2.50 4.34
CA TRP B 113 14.35 3.35 4.72
C TRP B 113 14.33 3.69 6.21
N ARG B 114 14.82 2.74 7.01
CA ARG B 114 14.84 2.92 8.45
C ARG B 114 15.61 4.19 8.82
N THR B 115 16.72 4.40 8.14
CA THR B 115 17.58 5.55 8.37
C THR B 115 16.83 6.87 8.42
N VAL B 116 15.83 7.04 7.56
CA VAL B 116 15.04 8.27 7.51
C VAL B 116 13.76 8.19 8.34
N ASN B 117 13.08 7.05 8.26
CA ASN B 117 11.84 6.86 9.00
C ASN B 117 12.03 7.04 10.51
N HIS B 118 13.08 6.46 11.05
CA HIS B 118 13.34 6.56 12.47
C HIS B 118 13.46 8.02 12.91
N GLN B 119 13.84 8.89 11.98
CA GLN B 119 14.01 10.30 12.28
C GLN B 119 12.73 11.14 12.19
N TRP B 120 11.74 10.67 11.45
CA TRP B 120 10.52 11.44 11.28
C TRP B 120 9.21 10.81 11.71
N ILE B 121 9.09 9.50 11.56
CA ILE B 121 7.86 8.83 11.93
C ILE B 121 7.72 8.72 13.45
N PRO B 122 6.53 9.06 13.98
CA PRO B 122 6.28 9.00 15.42
C PRO B 122 6.66 7.64 15.99
N ASP B 123 7.33 7.64 17.14
CA ASP B 123 7.76 6.41 17.78
C ASP B 123 6.60 5.50 18.18
N THR B 124 6.77 4.20 18.01
CA THR B 124 5.73 3.22 18.34
C THR B 124 5.95 2.54 19.69
N ASP B 125 7.05 2.85 20.37
CA ASP B 125 7.30 2.22 21.67
C ASP B 125 6.21 2.58 22.68
N ASP B 126 5.73 1.59 23.40
CA ASP B 126 4.71 1.76 24.43
C ASP B 126 3.41 2.41 23.95
N LEU B 127 3.06 2.17 22.68
CA LEU B 127 1.84 2.71 22.11
C LEU B 127 0.67 2.14 22.90
N GLU B 128 0.82 0.90 23.35
CA GLU B 128 -0.22 0.20 24.11
C GLU B 128 -0.67 0.92 25.36
N ASN B 129 0.23 1.63 26.04
CA ASN B 129 -0.16 2.32 27.27
C ASN B 129 0.08 3.81 27.34
N ASP B 130 0.35 4.44 26.20
CA ASP B 130 0.58 5.89 26.19
C ASP B 130 -0.41 6.53 25.22
N ALA B 131 -1.48 7.08 25.78
CA ALA B 131 -2.52 7.73 24.98
C ALA B 131 -2.00 8.84 24.08
N HIS B 132 -0.96 9.56 24.54
CA HIS B 132 -0.41 10.65 23.74
C HIS B 132 0.32 10.13 22.50
N LYS B 133 1.09 9.06 22.67
CA LYS B 133 1.81 8.48 21.55
C LYS B 133 0.81 7.90 20.54
N ARG B 134 -0.34 7.44 21.03
CA ARG B 134 -1.36 6.88 20.15
C ARG B 134 -2.02 8.03 19.37
N ALA B 135 -2.29 9.14 20.05
CA ALA B 135 -2.92 10.29 19.41
C ALA B 135 -2.02 10.81 18.29
N VAL B 136 -0.71 10.82 18.54
CA VAL B 136 0.23 11.28 17.54
C VAL B 136 0.35 10.26 16.39
N TYR B 137 0.45 8.98 16.74
CA TYR B 137 0.57 7.95 15.72
C TYR B 137 -0.70 7.85 14.89
N LEU B 138 -1.82 8.26 15.48
CA LEU B 138 -3.09 8.23 14.76
C LEU B 138 -2.97 9.14 13.55
N VAL B 139 -2.29 10.27 13.73
CA VAL B 139 -2.08 11.23 12.66
C VAL B 139 -1.26 10.59 11.56
N GLN B 140 -0.24 9.84 11.95
CA GLN B 140 0.63 9.15 10.99
C GLN B 140 -0.18 8.20 10.12
N LEU B 141 -1.03 7.40 10.76
CA LEU B 141 -1.87 6.44 10.05
C LEU B 141 -2.78 7.10 9.03
N ALA B 142 -3.44 8.18 9.44
CA ALA B 142 -4.35 8.89 8.55
C ALA B 142 -3.55 9.43 7.37
N ALA B 143 -2.37 9.99 7.65
CA ALA B 143 -1.53 10.54 6.60
C ALA B 143 -1.12 9.44 5.61
N ASP B 144 -0.80 8.26 6.13
CA ASP B 144 -0.41 7.13 5.29
C ASP B 144 -1.59 6.70 4.42
N GLY B 145 -2.80 6.76 4.99
CA GLY B 145 -3.97 6.38 4.22
C GLY B 145 -4.20 7.34 3.06
N LEU B 146 -3.96 8.62 3.31
CA LEU B 146 -4.15 9.63 2.28
C LEU B 146 -3.09 9.42 1.21
N PHE B 147 -1.89 9.04 1.67
CA PHE B 147 -0.74 8.78 0.82
C PHE B 147 -0.99 7.67 -0.21
N VAL B 148 -1.62 6.58 0.20
CA VAL B 148 -1.89 5.46 -0.71
C VAL B 148 -3.32 5.39 -1.24
N HIS B 149 -4.17 6.26 -0.73
CA HIS B 149 -5.58 6.27 -1.10
C HIS B 149 -5.96 5.88 -2.52
N ASP B 150 -5.42 6.57 -3.51
CA ASP B 150 -5.78 6.31 -4.91
C ASP B 150 -5.44 4.93 -5.45
N TYR B 151 -4.60 4.18 -4.73
CA TYR B 151 -4.24 2.84 -5.19
C TYR B 151 -5.11 1.75 -4.58
N ILE B 152 -5.69 2.04 -3.42
CA ILE B 152 -6.53 1.03 -2.76
C ILE B 152 -8.02 1.35 -2.82
N HIS B 153 -8.37 2.56 -3.25
CA HIS B 153 -9.77 2.94 -3.38
C HIS B 153 -10.10 3.15 -4.86
N ASP B 154 -11.21 2.58 -5.30
CA ASP B 154 -11.62 2.67 -6.71
C ASP B 154 -11.93 4.07 -7.24
N ASP B 155 -12.01 5.05 -6.36
CA ASP B 155 -12.30 6.41 -6.77
C ASP B 155 -11.21 7.38 -6.35
N VAL B 156 -10.50 7.93 -7.32
CA VAL B 156 -9.42 8.87 -7.05
C VAL B 156 -9.95 10.14 -6.38
N LEU B 157 -9.18 10.66 -5.43
CA LEU B 157 -9.54 11.85 -4.70
C LEU B 157 -9.24 13.11 -5.50
N SER B 158 -10.23 13.98 -5.66
CA SER B 158 -10.02 15.22 -6.40
C SER B 158 -9.07 16.08 -5.57
N LYS B 159 -8.39 17.02 -6.22
CA LYS B 159 -7.45 17.88 -5.51
C LYS B 159 -8.11 18.57 -4.32
N SER B 160 -9.32 19.09 -4.52
CA SER B 160 -10.03 19.76 -3.44
C SER B 160 -10.38 18.82 -2.29
N LYS B 161 -10.79 17.60 -2.62
CA LYS B 161 -11.13 16.62 -1.59
C LYS B 161 -9.87 16.15 -0.88
N ARG B 162 -8.77 16.08 -1.60
CA ARG B 162 -7.50 15.66 -1.01
C ARG B 162 -7.05 16.76 -0.06
N GLN B 163 -7.17 18.01 -0.50
CA GLN B 163 -6.77 19.13 0.34
C GLN B 163 -7.65 19.20 1.58
N ALA B 164 -8.92 18.85 1.41
CA ALA B 164 -9.86 18.87 2.52
C ALA B 164 -9.45 17.86 3.60
N MET B 165 -9.09 16.66 3.19
CA MET B 165 -8.69 15.64 4.15
C MET B 165 -7.35 15.98 4.79
N LEU B 166 -6.45 16.57 4.02
CA LEU B 166 -5.15 16.98 4.55
C LEU B 166 -5.39 17.92 5.72
N GLU B 167 -6.27 18.89 5.50
CA GLU B 167 -6.60 19.86 6.55
C GLU B 167 -7.24 19.14 7.74
N THR B 168 -8.09 18.16 7.45
CA THR B 168 -8.76 17.40 8.50
C THR B 168 -7.72 16.66 9.36
N ILE B 169 -6.71 16.11 8.69
CA ILE B 169 -5.65 15.39 9.39
C ILE B 169 -4.79 16.35 10.21
N LEU B 170 -4.45 17.48 9.59
CA LEU B 170 -3.66 18.50 10.26
C LEU B 170 -4.35 18.95 11.54
N GLU B 171 -5.68 19.04 11.51
CA GLU B 171 -6.43 19.48 12.68
C GLU B 171 -6.31 18.46 13.80
N LEU B 172 -6.03 17.21 13.42
CA LEU B 172 -5.92 16.12 14.38
C LEU B 172 -4.66 16.27 15.23
N ILE B 173 -3.66 16.97 14.71
CA ILE B 173 -2.41 17.17 15.44
C ILE B 173 -2.71 17.95 16.71
N PRO B 174 -2.12 17.54 17.85
CA PRO B 174 -2.32 18.22 19.13
C PRO B 174 -2.02 19.72 19.05
C1 GOL C . -9.51 -6.31 2.72
O1 GOL C . -9.20 -6.52 1.34
C2 GOL C . -9.24 -7.61 3.51
O2 GOL C . -7.87 -7.96 3.38
C3 GOL C . -9.57 -7.41 4.98
O3 GOL C . -9.31 -8.62 5.69
C1 GOL D . 7.10 6.67 2.62
O1 GOL D . 8.20 5.85 2.26
C2 GOL D . 6.55 6.23 3.98
O2 GOL D . 7.59 6.32 4.96
C3 GOL D . 5.37 7.13 4.37
O3 GOL D . 4.85 6.72 5.63
C1 GOL E . 7.55 10.07 0.74
O1 GOL E . 8.40 8.96 0.45
C2 GOL E . 7.50 11.01 -0.45
O2 GOL E . 6.95 10.31 -1.57
C3 GOL E . 6.61 12.21 -0.13
O3 GOL E . 6.55 13.09 -1.26
C1 GOL F . -9.66 -2.95 0.90
O1 GOL F . -9.54 -3.69 -0.31
C2 GOL F . -9.47 -1.45 0.63
O2 GOL F . -10.44 -0.99 -0.31
C3 GOL F . -9.60 -0.67 1.94
O3 GOL F . -9.43 0.73 1.70
#